data_5THM
#
_entry.id   5THM
#
_cell.length_a   67.713
_cell.length_b   80.645
_cell.length_c   107.038
_cell.angle_alpha   90.00
_cell.angle_beta   90.00
_cell.angle_gamma   90.00
#
_symmetry.space_group_name_H-M   'P 21 21 21'
#
loop_
_entity.id
_entity.type
_entity.pdbx_description
1 polymer Esterase-6
2 non-polymer N,N-dimethylboranamine
3 water water
#
_entity_poly.entity_id   1
_entity_poly.type   'polypeptide(L)'
_entity_poly.pdbx_seq_one_letter_code
;MHHHHHHDHMSDTDDPLLVQLPQGVLRGRDNGSYYSYESIPYAEPPTGDLRFEAPEPY(MLY)Q(MLY)WSDIFDAT
(MLY)TPVACLQWDQFTPGAN(MLY)LVGEEDCLTVSVY(MLY)P(MLY)NS(MLY)RNSFPVVAHIHGGAFMFGAAWQN
GHENVMREG(MLY)FILVKISYRLGPLGFLSTGDRDLPGNYGLKDQRLAL(MLY)WI(MLY)QNIASFGGEPQNVLLVGH
SAGGASVHLQMLREDFGQLA(MLY)AAFSFSGNALDPWVIQ(MLY)GARERAFELGRSVGCESAEDSASL(MLY)(MLY)
CL(MLY)S(MLY)PASELVTAVR(MLY)FLIFSYVPFAPFSPVLEPSDAPGAFITQDPRDVI(MLY)SG(MLY)FGQVPW
AVSYVTEDGGYNAALLL(MLY)ER(MLY)SGVVIDDLNERWLELAPYLLFYRDT(MLY)T(MLY)(MLY)DMDDYSR
(MLY)I(MLY)QEYIGNQRFDIGSYSELQRLFTDILFKNGTQESLDLHR(MLY)YG(MLY)SPVYAYVYDNPAE(MLY)G
IAQVLANRTDYDFGTVHGDDYSLIFENSVRDVEMRPDEQIISRNFINMLADFASSDDGSL(MLY)YGECDF(MLY)DNVG
SE(MLY)FQLLAIYTDGCQNRQHVEFP
;
_entity_poly.pdbx_strand_id   A
#
loop_
_chem_comp.id
_chem_comp.type
_chem_comp.name
_chem_comp.formula
7BZ non-polymer N,N-dimethylboranamine 'C2 H8 B N'
#
# COMPACT_ATOMS: atom_id res chain seq x y z
N ASP A 14 28.79 -16.41 -15.88
CA ASP A 14 28.17 -15.41 -15.02
C ASP A 14 28.07 -14.06 -15.71
N ASP A 15 27.98 -14.08 -17.03
CA ASP A 15 27.88 -12.86 -17.82
C ASP A 15 26.51 -12.28 -17.43
N PRO A 16 25.41 -13.04 -17.55
CA PRO A 16 24.11 -12.46 -17.20
C PRO A 16 23.88 -12.34 -15.71
N LEU A 17 24.52 -13.19 -14.89
CA LEU A 17 24.31 -13.12 -13.45
C LEU A 17 25.01 -11.94 -12.80
N LEU A 18 26.02 -11.36 -13.43
CA LEU A 18 26.79 -10.29 -12.81
C LEU A 18 26.36 -8.93 -13.30
N VAL A 19 26.27 -7.99 -12.38
CA VAL A 19 25.77 -6.64 -12.66
C VAL A 19 26.71 -5.64 -12.03
N GLN A 20 27.06 -4.59 -12.77
CA GLN A 20 27.96 -3.54 -12.32
C GLN A 20 27.17 -2.38 -11.74
N LEU A 21 27.39 -2.09 -10.46
CA LEU A 21 26.85 -0.90 -9.84
C LEU A 21 27.97 0.03 -9.41
N PRO A 22 27.67 1.27 -9.04
CA PRO A 22 28.72 2.15 -8.48
C PRO A 22 29.57 1.52 -7.39
N GLN A 23 29.01 0.68 -6.51
CA GLN A 23 29.74 0.14 -5.36
C GLN A 23 30.63 -1.03 -5.73
N GLY A 24 30.41 -1.64 -6.88
CA GLY A 24 31.04 -2.87 -7.27
C GLY A 24 30.05 -3.76 -7.98
N VAL A 25 30.38 -5.04 -8.03
CA VAL A 25 29.66 -6.01 -8.82
C VAL A 25 28.88 -6.91 -7.87
N LEU A 26 27.70 -7.33 -8.32
CA LEU A 26 26.90 -8.30 -7.59
C LEU A 26 26.65 -9.50 -8.49
N ARG A 27 26.37 -10.65 -7.87
CA ARG A 27 26.00 -11.86 -8.58
C ARG A 27 24.58 -12.26 -8.23
N GLY A 28 23.74 -12.41 -9.26
CA GLY A 28 22.38 -12.88 -9.10
C GLY A 28 22.21 -14.38 -9.24
N ARG A 29 20.96 -14.79 -9.41
CA ARG A 29 20.57 -16.21 -9.49
C ARG A 29 19.83 -16.45 -10.79
N ASP A 30 20.11 -17.59 -11.42
CA ASP A 30 19.33 -18.07 -12.56
C ASP A 30 18.21 -18.93 -12.02
N ASN A 31 16.95 -18.52 -12.26
CA ASN A 31 15.79 -19.27 -11.81
C ASN A 31 15.11 -20.06 -12.93
N GLY A 32 15.81 -20.27 -14.04
CA GLY A 32 15.20 -20.97 -15.15
C GLY A 32 14.59 -20.03 -16.16
N SER A 33 13.48 -19.38 -15.80
CA SER A 33 12.78 -18.47 -16.70
C SER A 33 13.07 -17.00 -16.42
N TYR A 34 13.84 -16.68 -15.39
CA TYR A 34 14.16 -15.29 -15.06
C TYR A 34 15.41 -15.24 -14.18
N TYR A 35 16.07 -14.09 -14.19
CA TYR A 35 17.19 -13.80 -13.30
C TYR A 35 16.73 -12.91 -12.15
N SER A 36 17.23 -13.18 -10.95
CA SER A 36 16.88 -12.40 -9.77
C SER A 36 18.13 -11.86 -9.11
N TYR A 37 18.09 -10.59 -8.74
CA TYR A 37 19.19 -9.93 -8.04
C TYR A 37 18.55 -9.32 -6.78
N GLU A 38 18.73 -9.98 -5.64
CA GLU A 38 17.88 -9.72 -4.49
C GLU A 38 18.65 -9.11 -3.33
N SER A 39 17.91 -8.37 -2.49
CA SER A 39 18.43 -7.79 -1.25
C SER A 39 19.58 -6.82 -1.51
N ILE A 40 19.48 -6.05 -2.58
CA ILE A 40 20.45 -5.00 -2.87
C ILE A 40 20.15 -3.81 -1.96
N PRO A 41 21.06 -3.43 -1.07
CA PRO A 41 20.78 -2.29 -0.19
C PRO A 41 20.79 -0.99 -0.98
N TYR A 42 19.77 -0.16 -0.75
CA TYR A 42 19.74 1.17 -1.34
C TYR A 42 19.96 2.28 -0.33
N ALA A 43 20.00 1.97 0.97
CA ALA A 43 20.29 2.96 2.00
C ALA A 43 21.18 2.33 3.07
N GLU A 44 21.80 3.18 3.89
CA GLU A 44 22.46 2.67 5.09
C GLU A 44 21.41 2.06 6.02
N PRO A 45 21.77 1.03 6.78
CA PRO A 45 20.81 0.45 7.73
C PRO A 45 20.25 1.51 8.65
N PRO A 46 18.90 1.59 8.77
CA PRO A 46 18.26 2.64 9.57
C PRO A 46 18.15 2.24 11.05
N THR A 47 19.27 1.84 11.63
CA THR A 47 19.38 1.34 12.99
C THR A 47 20.10 2.38 13.85
N GLY A 48 20.05 2.17 15.17
CA GLY A 48 20.75 3.04 16.09
C GLY A 48 20.44 4.51 15.90
N ASP A 49 21.45 5.33 15.69
CA ASP A 49 21.22 6.73 15.52
C ASP A 49 20.46 7.07 14.25
N LEU A 50 20.33 6.15 13.33
CA LEU A 50 19.57 6.40 12.11
C LEU A 50 18.12 5.95 12.21
N ARG A 51 17.70 5.38 13.35
CA ARG A 51 16.29 5.16 13.59
C ARG A 51 15.55 6.50 13.70
N PHE A 52 14.36 6.55 13.09
CA PHE A 52 13.53 7.76 13.05
C PHE A 52 14.24 8.92 12.34
N GLU A 53 15.13 8.59 11.42
CA GLU A 53 15.76 9.58 10.57
C GLU A 53 15.51 9.22 9.11
N ALA A 54 15.58 10.23 8.25
CA ALA A 54 15.55 10.07 6.80
C ALA A 54 16.57 9.02 6.38
N PRO A 55 16.30 8.24 5.33
CA PRO A 55 17.28 7.23 4.89
C PRO A 55 18.55 7.88 4.37
N GLU A 56 19.68 7.25 4.67
CA GLU A 56 20.95 7.73 4.12
C GLU A 56 21.34 6.90 2.92
N PRO A 57 21.71 7.51 1.80
CA PRO A 57 22.16 6.73 0.64
C PRO A 57 23.24 5.74 1.03
N TYR A 58 23.11 4.51 0.53
CA TYR A 58 24.12 3.47 0.73
C TYR A 58 25.49 3.95 0.24
N MLY A 59 26.49 3.96 1.11
CA MLY A 59 27.78 4.56 0.77
CB MLY A 59 28.11 5.75 1.69
CG MLY A 59 28.20 5.39 3.19
CD MLY A 59 28.47 6.61 4.07
CE MLY A 59 28.40 6.24 5.55
NZ MLY A 59 28.95 7.26 6.54
CH1 MLY A 59 30.40 7.02 6.67
CH2 MLY A 59 28.76 8.63 6.02
C MLY A 59 28.95 3.56 0.74
O MLY A 59 30.03 3.88 0.26
N GLN A 60 28.70 2.35 1.26
CA GLN A 60 29.71 1.30 1.32
C GLN A 60 30.19 0.90 -0.06
N MLY A 61 31.49 0.73 -0.21
CA MLY A 61 32.08 0.22 -1.45
CB MLY A 61 33.38 0.94 -1.76
CG MLY A 61 33.21 2.44 -2.00
CD MLY A 61 32.25 2.71 -3.17
CE MLY A 61 31.84 4.18 -3.26
NZ MLY A 61 30.34 4.35 -3.31
CH1 MLY A 61 30.03 5.71 -2.84
CH2 MLY A 61 29.92 4.29 -4.72
C MLY A 61 32.31 -1.28 -1.29
O MLY A 61 32.51 -1.76 -0.18
N TRP A 62 32.24 -2.01 -2.39
CA TRP A 62 32.44 -3.46 -2.35
C TRP A 62 33.82 -3.87 -2.88
N SER A 63 34.50 -4.71 -2.12
CA SER A 63 35.76 -5.29 -2.54
C SER A 63 35.61 -6.69 -3.12
N ASP A 64 34.55 -7.40 -2.76
CA ASP A 64 34.21 -8.71 -3.30
C ASP A 64 32.98 -8.58 -4.20
N ILE A 65 32.51 -9.73 -4.70
CA ILE A 65 31.25 -9.78 -5.45
C ILE A 65 30.11 -9.89 -4.44
N PHE A 66 29.17 -8.94 -4.51
CA PHE A 66 28.02 -8.98 -3.60
C PHE A 66 27.13 -10.19 -3.92
N ASP A 67 26.75 -10.92 -2.88
CA ASP A 67 25.84 -12.06 -3.03
C ASP A 67 24.40 -11.55 -3.08
N ALA A 68 23.84 -11.46 -4.28
CA ALA A 68 22.48 -11.00 -4.49
C ALA A 68 21.50 -12.17 -4.65
N THR A 69 21.67 -13.23 -3.87
CA THR A 69 20.86 -14.43 -4.05
C THR A 69 19.88 -14.72 -2.91
N MLY A 70 19.82 -13.83 -1.92
CA MLY A 70 18.96 -14.07 -0.77
CB MLY A 70 19.71 -13.79 0.53
CG MLY A 70 21.11 -14.38 0.53
CD MLY A 70 21.65 -14.58 1.93
CE MLY A 70 22.93 -15.40 1.92
NZ MLY A 70 22.75 -16.73 1.27
CH1 MLY A 70 24.02 -17.45 1.46
CH2 MLY A 70 21.75 -17.48 2.05
C MLY A 70 17.65 -13.27 -0.80
O MLY A 70 17.62 -12.08 -1.10
N THR A 71 16.57 -13.96 -0.48
CA THR A 71 15.23 -13.39 -0.40
C THR A 71 15.25 -12.13 0.46
N PRO A 72 14.64 -11.05 -0.02
CA PRO A 72 14.64 -9.81 0.76
C PRO A 72 13.94 -10.03 2.09
N VAL A 73 14.59 -9.60 3.15
CA VAL A 73 14.01 -9.75 4.48
C VAL A 73 12.87 -8.75 4.65
N ALA A 74 11.89 -9.11 5.47
CA ALA A 74 10.82 -8.19 5.80
C ALA A 74 11.30 -7.17 6.81
N CYS A 75 10.72 -5.98 6.75
CA CYS A 75 10.98 -4.95 7.75
CA CYS A 75 11.03 -4.97 7.76
C CYS A 75 10.36 -5.34 9.08
N LEU A 76 11.06 -5.05 10.18
CA LEU A 76 10.56 -5.42 11.50
C LEU A 76 9.18 -4.84 11.72
N GLN A 77 8.22 -5.70 12.07
CA GLN A 77 6.81 -5.35 11.97
C GLN A 77 6.01 -6.18 12.96
N TRP A 78 4.84 -5.65 13.33
CA TRP A 78 3.83 -6.38 14.10
C TRP A 78 2.80 -6.85 13.08
N ASP A 79 2.98 -8.07 12.57
CA ASP A 79 2.29 -8.54 11.37
C ASP A 79 0.90 -9.07 11.74
N GLN A 80 -0.15 -8.40 11.23
CA GLN A 80 -1.52 -8.84 11.46
C GLN A 80 -1.72 -10.34 11.15
N PHE A 81 -1.11 -10.84 10.08
CA PHE A 81 -1.41 -12.19 9.61
C PHE A 81 -0.41 -13.23 10.07
N THR A 82 0.47 -12.89 11.00
CA THR A 82 1.18 -13.90 11.76
C THR A 82 0.30 -14.33 12.92
N PRO A 83 -0.11 -15.59 13.00
CA PRO A 83 -0.98 -16.01 14.10
C PRO A 83 -0.19 -16.16 15.38
N GLY A 84 -0.90 -16.10 16.49
CA GLY A 84 -0.28 -16.21 17.79
C GLY A 84 -0.21 -14.86 18.49
N ALA A 85 0.08 -14.92 19.80
CA ALA A 85 0.22 -13.70 20.58
C ALA A 85 1.34 -12.83 20.04
N ASN A 86 2.46 -13.44 19.66
CA ASN A 86 3.65 -12.69 19.25
C ASN A 86 3.71 -12.54 17.73
N MLY A 87 3.38 -11.35 17.23
CA MLY A 87 3.31 -11.15 15.79
CB MLY A 87 2.02 -10.41 15.42
CG MLY A 87 0.78 -11.14 15.89
CD MLY A 87 -0.45 -10.27 15.78
CE MLY A 87 -1.61 -11.04 15.18
NZ MLY A 87 -1.99 -12.22 15.98
CH1 MLY A 87 -2.63 -11.66 17.17
CH2 MLY A 87 -3.08 -12.90 15.23
C MLY A 87 4.53 -10.41 15.23
O MLY A 87 4.50 -9.89 14.10
N LEU A 88 5.59 -10.36 16.02
CA LEU A 88 6.82 -9.71 15.59
C LEU A 88 7.54 -10.57 14.56
N VAL A 89 7.83 -10.00 13.38
CA VAL A 89 8.62 -10.65 12.36
C VAL A 89 9.49 -9.61 11.67
N GLY A 90 10.52 -10.08 10.96
CA GLY A 90 11.36 -9.20 10.18
C GLY A 90 12.61 -8.74 10.91
N GLU A 91 13.31 -7.80 10.26
CA GLU A 91 14.55 -7.21 10.75
C GLU A 91 14.49 -5.70 10.60
N GLU A 92 15.15 -4.99 11.52
CA GLU A 92 15.20 -3.53 11.37
C GLU A 92 16.05 -3.12 10.17
N ASP A 93 17.11 -3.87 9.87
CA ASP A 93 18.01 -3.62 8.75
C ASP A 93 17.39 -4.26 7.50
N CYS A 94 16.63 -3.47 6.73
CA CYS A 94 15.76 -4.04 5.71
C CYS A 94 15.62 -3.21 4.43
N LEU A 95 16.35 -2.09 4.28
CA LEU A 95 16.12 -1.16 3.18
C LEU A 95 16.80 -1.65 1.91
N THR A 96 16.04 -2.37 1.10
CA THR A 96 16.56 -3.21 0.04
C THR A 96 15.66 -3.13 -1.19
N VAL A 97 16.26 -3.25 -2.38
CA VAL A 97 15.51 -3.46 -3.63
C VAL A 97 15.89 -4.82 -4.20
N SER A 98 14.92 -5.46 -4.85
CA SER A 98 15.10 -6.76 -5.48
C SER A 98 14.62 -6.69 -6.92
N VAL A 99 15.45 -7.14 -7.86
CA VAL A 99 15.24 -6.98 -9.29
C VAL A 99 15.00 -8.35 -9.92
N TYR A 100 13.94 -8.46 -10.70
CA TYR A 100 13.55 -9.70 -11.35
C TYR A 100 13.42 -9.44 -12.84
N MLY A 101 14.25 -10.13 -13.62
CA MLY A 101 14.38 -9.88 -15.05
CB MLY A 101 15.80 -9.42 -15.34
CG MLY A 101 16.20 -9.39 -16.79
CD MLY A 101 17.71 -9.59 -16.87
CE MLY A 101 18.28 -8.93 -18.09
NZ MLY A 101 19.77 -8.89 -18.07
CH1 MLY A 101 20.22 -10.30 -17.92
CH2 MLY A 101 20.13 -8.44 -19.41
C MLY A 101 14.10 -11.15 -15.84
O MLY A 101 14.71 -12.19 -15.58
N PRO A 102 13.18 -11.07 -16.82
CA PRO A 102 12.87 -12.30 -17.55
C PRO A 102 14.06 -12.82 -18.35
N MLY A 103 14.21 -14.13 -18.45
CA MLY A 103 15.28 -14.73 -19.24
CB MLY A 103 15.73 -16.06 -18.62
CG MLY A 103 16.94 -16.70 -19.30
CD MLY A 103 17.16 -18.09 -18.75
CE MLY A 103 18.63 -18.47 -18.81
NZ MLY A 103 18.83 -19.94 -19.00
CH1 MLY A 103 20.28 -20.18 -19.01
CH2 MLY A 103 18.25 -20.63 -17.83
C MLY A 103 14.80 -14.95 -20.67
O MLY A 103 13.75 -15.58 -20.89
N ASN A 104 15.54 -14.43 -21.62
CA ASN A 104 15.10 -14.37 -23.00
C ASN A 104 16.32 -14.20 -23.89
N SER A 105 16.63 -15.20 -24.70
CA SER A 105 17.81 -15.13 -25.55
C SER A 105 17.62 -14.11 -26.69
N MLY A 106 16.36 -13.78 -26.97
CA MLY A 106 15.99 -12.84 -28.01
CB MLY A 106 14.63 -13.23 -28.60
CG MLY A 106 14.56 -13.19 -30.11
CD MLY A 106 15.24 -14.39 -30.74
CE MLY A 106 14.37 -15.64 -30.64
NZ MLY A 106 14.84 -16.76 -31.51
CH1 MLY A 106 14.37 -16.50 -32.87
CH2 MLY A 106 16.32 -16.76 -31.54
C MLY A 106 15.92 -11.37 -27.56
O MLY A 106 15.97 -10.46 -28.38
N ARG A 107 15.77 -11.14 -26.25
CA ARG A 107 15.50 -9.79 -25.75
C ARG A 107 16.21 -9.51 -24.42
N ASN A 108 16.95 -8.41 -24.34
CA ASN A 108 17.64 -8.07 -23.09
C ASN A 108 17.33 -6.66 -22.57
N SER A 109 16.48 -5.89 -23.25
CA SER A 109 16.03 -4.59 -22.78
C SER A 109 14.54 -4.69 -22.44
N PHE A 110 14.15 -4.18 -21.27
CA PHE A 110 12.78 -4.29 -20.81
C PHE A 110 12.30 -2.98 -20.20
N PRO A 111 11.01 -2.70 -20.28
CA PRO A 111 10.42 -1.67 -19.40
C PRO A 111 10.36 -2.21 -17.98
N VAL A 112 10.05 -1.31 -17.04
CA VAL A 112 10.24 -1.56 -15.62
C VAL A 112 8.95 -1.30 -14.87
N VAL A 113 8.54 -2.27 -14.06
CA VAL A 113 7.47 -2.08 -13.09
C VAL A 113 8.09 -2.05 -11.70
N ALA A 114 7.95 -0.92 -11.03
CA ALA A 114 8.42 -0.77 -9.66
C ALA A 114 7.25 -1.04 -8.73
N HIS A 115 7.51 -1.78 -7.66
CA HIS A 115 6.45 -2.36 -6.86
C HIS A 115 6.59 -1.98 -5.39
N ILE A 116 5.53 -1.44 -4.81
CA ILE A 116 5.51 -1.10 -3.38
C ILE A 116 4.46 -1.97 -2.71
N HIS A 117 4.90 -2.84 -1.81
CA HIS A 117 3.96 -3.77 -1.18
C HIS A 117 2.98 -3.05 -0.27
N GLY A 118 1.83 -3.68 -0.07
CA GLY A 118 0.80 -3.18 0.83
C GLY A 118 0.98 -3.75 2.22
N GLY A 119 -0.05 -3.55 3.04
CA GLY A 119 0.03 -3.94 4.44
C GLY A 119 -0.22 -2.81 5.43
N ALA A 120 -1.05 -1.84 5.07
CA ALA A 120 -1.58 -0.85 6.00
C ALA A 120 -0.51 0.06 6.62
N PHE A 121 0.67 0.13 6.00
CA PHE A 121 1.84 0.85 6.51
C PHE A 121 2.37 0.21 7.79
N MET A 122 1.82 -0.93 8.20
CA MET A 122 2.17 -1.62 9.44
C MET A 122 2.91 -2.92 9.23
N PHE A 123 2.69 -3.61 8.12
CA PHE A 123 3.23 -4.97 7.93
C PHE A 123 3.31 -5.26 6.43
N GLY A 124 3.66 -6.48 6.08
CA GLY A 124 3.78 -6.88 4.69
C GLY A 124 5.24 -6.93 4.24
N ALA A 125 5.44 -7.44 3.03
CA ALA A 125 6.81 -7.71 2.60
C ALA A 125 6.87 -7.93 1.09
N ALA A 126 7.98 -7.49 0.50
CA ALA A 126 8.27 -7.78 -0.91
C ALA A 126 8.10 -9.26 -1.22
N TRP A 127 8.66 -10.15 -0.37
CA TRP A 127 8.65 -11.57 -0.68
C TRP A 127 7.25 -12.17 -0.65
N GLN A 128 6.29 -11.55 0.04
CA GLN A 128 4.94 -12.08 0.03
C GLN A 128 4.17 -11.72 -1.24
N ASN A 129 4.71 -10.85 -2.08
CA ASN A 129 4.10 -10.49 -3.37
C ASN A 129 4.81 -11.28 -4.46
N GLY A 130 4.23 -12.41 -4.86
CA GLY A 130 4.95 -13.32 -5.75
C GLY A 130 5.21 -12.70 -7.10
N HIS A 131 6.34 -13.07 -7.69
CA HIS A 131 6.76 -12.58 -9.01
C HIS A 131 6.69 -13.66 -10.09
N GLU A 132 6.19 -14.85 -9.79
CA GLU A 132 6.18 -15.92 -10.78
C GLU A 132 5.25 -15.58 -11.95
N ASN A 133 4.06 -15.04 -11.66
CA ASN A 133 3.11 -14.71 -12.74
C ASN A 133 3.69 -13.69 -13.72
N VAL A 134 4.33 -12.64 -13.20
CA VAL A 134 4.81 -11.60 -14.09
C VAL A 134 6.09 -12.05 -14.82
N MET A 135 6.94 -12.86 -14.19
CA MET A 135 8.11 -13.38 -14.89
C MET A 135 7.72 -14.38 -15.98
N ARG A 136 6.69 -15.18 -15.73
CA ARG A 136 6.25 -16.13 -16.74
C ARG A 136 5.73 -15.40 -17.98
N GLU A 137 4.99 -14.31 -17.78
CA GLU A 137 4.54 -13.53 -18.92
C GLU A 137 5.71 -12.83 -19.60
N GLY A 138 6.72 -12.43 -18.82
CA GLY A 138 8.00 -11.98 -19.33
C GLY A 138 8.07 -10.70 -20.14
N MLY A 139 7.26 -9.71 -19.80
CA MLY A 139 7.24 -8.46 -20.59
CB MLY A 139 5.84 -8.19 -21.14
CG MLY A 139 5.26 -9.43 -21.83
CD MLY A 139 4.34 -9.12 -22.97
CE MLY A 139 4.00 -10.41 -23.71
NZ MLY A 139 2.55 -10.49 -24.04
CH1 MLY A 139 2.28 -9.41 -25.00
CH2 MLY A 139 2.34 -11.77 -24.74
C MLY A 139 7.80 -7.23 -19.87
O MLY A 139 7.83 -6.15 -20.44
N PHE A 140 8.27 -7.42 -18.64
CA PHE A 140 8.98 -6.32 -17.98
C PHE A 140 9.88 -6.81 -16.85
N ILE A 141 10.86 -5.99 -16.51
CA ILE A 141 11.62 -6.15 -15.28
C ILE A 141 10.80 -5.62 -14.11
N LEU A 142 10.83 -6.37 -13.00
CA LEU A 142 10.15 -6.01 -11.78
C LEU A 142 11.17 -5.61 -10.71
N VAL A 143 10.88 -4.53 -9.98
CA VAL A 143 11.71 -4.10 -8.84
C VAL A 143 10.80 -4.01 -7.63
N LYS A 144 11.04 -4.85 -6.62
CA LYS A 144 10.31 -4.79 -5.37
C LYS A 144 11.05 -3.90 -4.38
N ILE A 145 10.35 -2.89 -3.87
CA ILE A 145 10.93 -1.92 -2.93
C ILE A 145 10.54 -2.32 -1.51
N SER A 146 11.52 -2.34 -0.60
CA SER A 146 11.30 -2.53 0.81
C SER A 146 11.38 -1.17 1.50
N TYR A 147 10.62 -1.00 2.60
CA TYR A 147 10.55 0.30 3.27
C TYR A 147 10.12 0.13 4.72
N ARG A 148 10.48 1.11 5.55
CA ARG A 148 10.23 1.00 6.98
C ARG A 148 8.74 1.07 7.29
N LEU A 149 8.32 0.32 8.31
CA LEU A 149 6.92 0.04 8.58
C LEU A 149 6.59 0.41 10.02
N GLY A 150 5.29 0.52 10.29
CA GLY A 150 4.81 0.74 11.64
C GLY A 150 5.45 1.98 12.28
N PRO A 151 5.68 1.92 13.60
CA PRO A 151 6.33 3.07 14.25
C PRO A 151 7.71 3.36 13.70
N LEU A 152 8.43 2.35 13.21
CA LEU A 152 9.76 2.60 12.66
C LEU A 152 9.68 3.43 11.39
N GLY A 153 8.61 3.26 10.62
CA GLY A 153 8.49 3.99 9.38
C GLY A 153 7.68 5.26 9.49
N PHE A 154 6.80 5.36 10.50
CA PHE A 154 5.77 6.39 10.50
C PHE A 154 5.44 7.03 11.84
N LEU A 155 6.25 6.81 12.88
CA LEU A 155 6.05 7.52 14.13
C LEU A 155 6.24 9.02 13.91
N SER A 156 5.42 9.83 14.58
CA SER A 156 5.45 11.28 14.33
C SER A 156 4.95 12.04 15.55
N THR A 157 5.68 13.09 15.91
CA THR A 157 5.20 14.04 16.92
C THR A 157 4.68 15.31 16.29
N GLY A 158 4.55 15.34 14.97
CA GLY A 158 4.06 16.52 14.30
C GLY A 158 4.99 17.71 14.32
N ASP A 159 6.27 17.57 14.69
CA ASP A 159 7.18 18.70 14.62
C ASP A 159 8.50 18.24 13.98
N ARG A 160 9.42 19.20 13.82
N ARG A 160 9.42 19.19 13.81
CA ARG A 160 10.63 18.97 13.03
CA ARG A 160 10.60 18.92 13.00
C ARG A 160 11.56 17.95 13.67
C ARG A 160 11.61 18.01 13.70
N ASP A 161 11.40 17.66 14.97
CA ASP A 161 12.25 16.70 15.64
C ASP A 161 11.81 15.24 15.42
N LEU A 162 10.52 14.99 15.20
CA LEU A 162 10.03 13.66 14.79
C LEU A 162 8.91 13.86 13.79
N PRO A 163 9.25 14.25 12.56
CA PRO A 163 8.19 14.62 11.59
C PRO A 163 7.43 13.43 11.03
N GLY A 164 8.08 12.29 10.81
CA GLY A 164 7.39 11.10 10.34
C GLY A 164 7.67 10.83 8.87
N ASN A 165 6.85 9.93 8.31
CA ASN A 165 6.90 9.58 6.88
C ASN A 165 8.22 8.96 6.45
N TYR A 166 8.95 8.34 7.38
CA TYR A 166 10.23 7.72 7.04
C TYR A 166 10.07 6.65 5.96
N GLY A 167 8.98 5.87 6.02
CA GLY A 167 8.77 4.84 5.02
C GLY A 167 8.52 5.40 3.62
N LEU A 168 7.85 6.54 3.52
CA LEU A 168 7.65 7.17 2.22
C LEU A 168 8.96 7.75 1.69
N LYS A 169 9.81 8.26 2.57
CA LYS A 169 11.12 8.74 2.13
C LYS A 169 12.01 7.58 1.71
N ASP A 170 11.88 6.42 2.39
CA ASP A 170 12.58 5.22 1.94
C ASP A 170 12.18 4.85 0.50
N GLN A 171 10.87 4.82 0.22
CA GLN A 171 10.41 4.47 -1.13
C GLN A 171 10.96 5.43 -2.18
N ARG A 172 10.95 6.73 -1.87
CA ARG A 172 11.39 7.72 -2.83
C ARG A 172 12.88 7.57 -3.13
N LEU A 173 13.68 7.27 -2.11
CA LEU A 173 15.09 7.01 -2.33
C LEU A 173 15.29 5.76 -3.19
N ALA A 174 14.45 4.74 -2.98
CA ALA A 174 14.52 3.57 -3.86
C ALA A 174 14.17 3.94 -5.30
N LEU A 175 13.25 4.88 -5.48
CA LEU A 175 12.87 5.28 -6.83
C LEU A 175 14.05 5.96 -7.54
N MLY A 176 14.81 6.75 -6.80
CA MLY A 176 16.03 7.36 -7.33
CB MLY A 176 16.63 8.35 -6.32
CG MLY A 176 15.91 9.72 -6.27
CD MLY A 176 15.75 10.25 -4.86
CE MLY A 176 16.26 11.69 -4.71
NZ MLY A 176 15.17 12.70 -4.71
CH1 MLY A 176 15.32 13.52 -3.50
CH2 MLY A 176 15.43 13.59 -5.86
C MLY A 176 17.07 6.30 -7.69
O MLY A 176 17.76 6.41 -8.70
N TRP A 177 17.15 5.25 -6.86
CA TRP A 177 18.06 4.15 -7.12
C TRP A 177 17.73 3.49 -8.44
N ILE A 178 16.44 3.28 -8.69
CA ILE A 178 15.98 2.67 -9.94
C ILE A 178 16.37 3.53 -11.14
N MLY A 179 16.15 4.84 -11.04
CA MLY A 179 16.53 5.75 -12.12
CB MLY A 179 16.17 7.21 -11.78
CG MLY A 179 16.52 8.18 -12.90
CD MLY A 179 16.34 9.63 -12.46
CE MLY A 179 16.67 10.60 -13.60
NZ MLY A 179 17.60 11.68 -13.18
CH1 MLY A 179 18.00 12.39 -14.40
CH2 MLY A 179 16.84 12.62 -12.34
C MLY A 179 18.03 5.67 -12.42
O MLY A 179 18.44 5.62 -13.58
N GLN A 180 18.82 5.62 -11.36
CA GLN A 180 20.27 5.62 -11.48
C GLN A 180 20.84 4.28 -11.98
N ASN A 181 20.22 3.16 -11.61
CA ASN A 181 20.87 1.87 -11.77
C ASN A 181 20.13 0.83 -12.58
N ILE A 182 18.85 1.03 -12.90
CA ILE A 182 18.14 -0.11 -13.47
C ILE A 182 18.63 -0.45 -14.89
N ALA A 183 19.28 0.49 -15.59
CA ALA A 183 19.85 0.16 -16.90
C ALA A 183 20.99 -0.85 -16.80
N SER A 184 21.70 -0.89 -15.66
CA SER A 184 22.73 -1.91 -15.47
C SER A 184 22.14 -3.31 -15.50
N PHE A 185 20.84 -3.44 -15.28
CA PHE A 185 20.15 -4.72 -15.30
C PHE A 185 19.45 -5.00 -16.62
N GLY A 186 19.50 -4.06 -17.56
CA GLY A 186 18.70 -4.17 -18.77
C GLY A 186 17.35 -3.48 -18.71
N GLY A 187 17.10 -2.65 -17.70
CA GLY A 187 15.86 -1.91 -17.62
C GLY A 187 15.93 -0.59 -18.35
N GLU A 188 14.78 -0.15 -18.84
CA GLU A 188 14.65 1.16 -19.47
C GLU A 188 14.22 2.18 -18.44
N PRO A 189 15.13 3.02 -17.92
CA PRO A 189 14.76 3.96 -16.86
C PRO A 189 13.71 4.98 -17.28
N GLN A 190 13.55 5.22 -18.59
CA GLN A 190 12.55 6.13 -19.10
C GLN A 190 11.16 5.48 -19.23
N ASN A 191 11.07 4.18 -18.94
CA ASN A 191 9.81 3.45 -19.02
C ASN A 191 9.53 2.75 -17.69
N VAL A 192 9.46 3.54 -16.61
CA VAL A 192 9.19 3.01 -15.27
C VAL A 192 7.73 3.26 -14.93
N LEU A 193 7.02 2.19 -14.58
CA LEU A 193 5.65 2.25 -14.09
C LEU A 193 5.66 1.88 -12.61
N LEU A 194 5.17 2.78 -11.75
CA LEU A 194 5.13 2.54 -10.31
C LEU A 194 3.74 2.01 -9.96
N VAL A 195 3.70 0.82 -9.33
CA VAL A 195 2.44 0.20 -8.94
C VAL A 195 2.49 -0.20 -7.48
N GLY A 196 1.30 -0.37 -6.90
CA GLY A 196 1.16 -0.86 -5.54
C GLY A 196 -0.29 -1.06 -5.18
N HIS A 197 -0.50 -1.94 -4.21
CA HIS A 197 -1.82 -2.30 -3.71
C HIS A 197 -1.99 -1.85 -2.26
N SER A 198 -3.21 -1.45 -1.90
CA SER A 198 -3.56 -1.10 -0.51
C SER A 198 -2.64 0.03 -0.06
N ALA A 199 -1.91 -0.10 1.06
CA ALA A 199 -0.96 0.96 1.44
C ALA A 199 0.09 1.18 0.36
N GLY A 200 0.41 0.15 -0.43
CA GLY A 200 1.25 0.36 -1.61
C GLY A 200 0.63 1.31 -2.61
N GLY A 201 -0.68 1.17 -2.86
CA GLY A 201 -1.35 2.08 -3.76
C GLY A 201 -1.46 3.49 -3.19
N ALA A 202 -1.71 3.60 -1.89
CA ALA A 202 -1.68 4.94 -1.28
C ALA A 202 -0.30 5.56 -1.41
N SER A 203 0.76 4.76 -1.17
CA SER A 203 2.13 5.25 -1.31
C SER A 203 2.42 5.72 -2.72
N VAL A 204 2.00 4.93 -3.73
CA VAL A 204 2.20 5.31 -5.12
C VAL A 204 1.60 6.69 -5.38
N HIS A 205 0.36 6.90 -4.91
CA HIS A 205 -0.29 8.20 -5.11
C HIS A 205 0.48 9.30 -4.38
N LEU A 206 0.92 9.02 -3.15
CA LEU A 206 1.69 10.01 -2.42
C LEU A 206 3.00 10.35 -3.15
N GLN A 207 3.69 9.35 -3.72
CA GLN A 207 4.90 9.62 -4.50
C GLN A 207 4.57 10.48 -5.71
N MET A 208 3.46 10.16 -6.38
N MET A 208 3.47 10.14 -6.40
CA MET A 208 3.02 10.89 -7.55
CA MET A 208 3.06 10.91 -7.56
C MET A 208 2.62 12.32 -7.24
C MET A 208 2.78 12.37 -7.19
N LEU A 209 2.29 12.63 -5.98
CA LEU A 209 1.94 13.99 -5.61
C LEU A 209 3.16 14.91 -5.47
N ARG A 210 4.38 14.37 -5.52
N ARG A 210 4.37 14.37 -5.52
CA ARG A 210 5.57 15.22 -5.52
CA ARG A 210 5.57 15.22 -5.52
C ARG A 210 5.74 15.87 -6.88
C ARG A 210 5.75 15.87 -6.89
N GLU A 211 6.15 17.14 -6.88
CA GLU A 211 6.20 17.92 -8.11
C GLU A 211 7.18 17.33 -9.13
N ASP A 212 8.25 16.68 -8.67
CA ASP A 212 9.26 16.14 -9.58
C ASP A 212 9.06 14.66 -9.87
N PHE A 213 7.88 14.10 -9.58
CA PHE A 213 7.68 12.65 -9.72
C PHE A 213 7.87 12.19 -11.15
N GLY A 214 7.62 13.06 -12.13
CA GLY A 214 7.84 12.72 -13.53
C GLY A 214 9.28 12.38 -13.85
N GLN A 215 10.23 12.87 -13.06
CA GLN A 215 11.64 12.52 -13.24
C GLN A 215 11.96 11.11 -12.73
N LEU A 216 11.04 10.49 -11.98
CA LEU A 216 11.25 9.16 -11.39
C LEU A 216 10.42 8.08 -12.04
N ALA A 217 9.27 8.42 -12.60
CA ALA A 217 8.45 7.41 -13.27
C ALA A 217 7.70 8.03 -14.42
N MLY A 218 7.32 7.18 -15.37
CA MLY A 218 6.55 7.57 -16.55
CB MLY A 218 6.93 6.64 -17.72
CG MLY A 218 5.96 6.65 -18.89
CD MLY A 218 6.36 5.62 -19.96
CE MLY A 218 6.63 6.28 -21.32
NZ MLY A 218 7.55 7.47 -21.24
CH1 MLY A 218 8.66 7.25 -22.19
CH2 MLY A 218 6.80 8.64 -21.72
C MLY A 218 5.04 7.48 -16.28
O MLY A 218 4.24 8.18 -16.91
N ALA A 219 4.66 6.62 -15.34
CA ALA A 219 3.23 6.38 -15.08
C ALA A 219 3.06 5.68 -13.72
N ALA A 220 1.82 5.64 -13.23
CA ALA A 220 1.57 5.06 -11.92
C ALA A 220 0.21 4.40 -11.90
N PHE A 221 0.07 3.37 -11.04
CA PHE A 221 -1.17 2.61 -10.89
C PHE A 221 -1.38 2.30 -9.42
N SER A 222 -2.50 2.74 -8.86
CA SER A 222 -2.85 2.55 -7.45
C SER A 222 -4.03 1.60 -7.37
N PHE A 223 -3.81 0.40 -6.84
CA PHE A 223 -4.87 -0.60 -6.67
C PHE A 223 -5.41 -0.55 -5.24
N SER A 224 -6.70 -0.23 -5.09
CA SER A 224 -7.38 -0.27 -3.79
C SER A 224 -6.57 0.46 -2.70
N GLY A 225 -6.10 1.65 -3.06
CA GLY A 225 -5.33 2.50 -2.16
C GLY A 225 -5.03 3.82 -2.85
N ASN A 226 -5.28 4.93 -2.16
CA ASN A 226 -4.92 6.24 -2.70
C ASN A 226 -4.71 7.21 -1.55
N ALA A 227 -4.22 8.40 -1.90
CA ALA A 227 -3.78 9.36 -0.90
C ALA A 227 -4.93 9.97 -0.12
N LEU A 228 -6.18 9.75 -0.54
CA LEU A 228 -7.34 10.36 0.09
C LEU A 228 -8.12 9.39 0.98
N ASP A 229 -7.74 8.12 1.00
CA ASP A 229 -8.37 7.18 1.91
C ASP A 229 -8.11 7.60 3.36
N PRO A 230 -9.08 7.42 4.26
CA PRO A 230 -8.95 8.00 5.61
C PRO A 230 -7.96 7.28 6.50
N TRP A 231 -7.49 6.10 6.13
CA TRP A 231 -6.44 5.43 6.89
C TRP A 231 -5.05 5.79 6.42
N VAL A 232 -4.92 6.69 5.43
CA VAL A 232 -3.62 7.06 4.87
C VAL A 232 -3.05 8.26 5.61
N ILE A 233 -3.47 9.48 5.28
CA ILE A 233 -3.01 10.67 5.99
C ILE A 233 -3.86 10.83 7.24
N GLN A 234 -3.27 10.62 8.41
CA GLN A 234 -4.00 10.65 9.66
C GLN A 234 -3.55 11.75 10.61
N MLY A 235 -4.51 12.24 11.39
CA MLY A 235 -4.25 13.14 12.51
CB MLY A 235 -5.42 14.10 12.69
CG MLY A 235 -5.61 15.10 11.58
CD MLY A 235 -6.48 16.25 12.07
CE MLY A 235 -6.28 17.46 11.21
NZ MLY A 235 -7.35 18.44 11.46
CH1 MLY A 235 -6.96 19.20 12.67
CH2 MLY A 235 -7.35 19.34 10.31
C MLY A 235 -4.11 12.31 13.78
O MLY A 235 -4.49 11.14 13.81
N GLY A 236 -3.59 12.94 14.83
CA GLY A 236 -3.48 12.30 16.13
C GLY A 236 -2.20 11.53 16.37
N ALA A 237 -1.24 11.65 15.46
CA ALA A 237 0.00 10.87 15.61
C ALA A 237 0.81 11.30 16.82
N ARG A 238 0.80 12.61 17.14
CA ARG A 238 1.67 13.09 18.21
C ARG A 238 1.33 12.39 19.53
N GLU A 239 0.04 12.29 19.85
CA GLU A 239 -0.33 11.65 21.10
C GLU A 239 -0.08 10.15 21.04
N ARG A 240 -0.22 9.55 19.89
CA ARG A 240 0.12 8.17 19.73
C ARG A 240 1.64 7.98 20.01
N ALA A 241 2.46 8.91 19.57
CA ALA A 241 3.91 8.80 19.77
C ALA A 241 4.27 8.78 21.25
N PHE A 242 3.77 9.74 22.03
CA PHE A 242 4.03 9.75 23.47
C PHE A 242 3.36 8.58 24.18
N GLU A 243 2.20 8.12 23.66
CA GLU A 243 1.61 6.89 24.16
C GLU A 243 2.53 5.71 23.95
N LEU A 244 3.20 5.63 22.80
CA LEU A 244 4.22 4.61 22.60
C LEU A 244 5.35 4.78 23.62
N GLY A 245 5.81 6.02 23.83
CA GLY A 245 6.84 6.23 24.84
C GLY A 245 6.45 5.70 26.20
N ARG A 246 5.19 5.88 26.60
CA ARG A 246 4.71 5.45 27.90
C ARG A 246 4.70 3.92 28.05
N SER A 247 4.56 3.18 26.95
CA SER A 247 4.52 1.73 26.97
C SER A 247 5.88 1.07 26.97
N VAL A 248 6.96 1.82 26.72
CA VAL A 248 8.30 1.25 26.60
C VAL A 248 9.27 1.86 27.62
N GLY A 249 8.75 2.46 28.69
CA GLY A 249 9.60 2.99 29.74
C GLY A 249 10.08 4.41 29.53
N CYS A 250 9.44 5.17 28.62
CA CYS A 250 9.86 6.52 28.27
C CYS A 250 8.82 7.56 28.71
N GLU A 251 8.14 7.30 29.84
CA GLU A 251 7.09 8.19 30.31
C GLU A 251 7.63 9.56 30.73
N SER A 252 8.91 9.65 31.10
CA SER A 252 9.47 10.90 31.59
C SER A 252 9.76 11.90 30.47
N ALA A 253 9.71 11.51 29.21
CA ALA A 253 9.96 12.43 28.12
C ALA A 253 8.75 13.33 27.89
N GLU A 254 8.96 14.64 27.92
CA GLU A 254 7.84 15.57 27.80
C GLU A 254 7.93 16.43 26.54
N ASP A 255 8.92 16.18 25.67
CA ASP A 255 9.05 16.91 24.41
C ASP A 255 9.57 15.97 23.33
N SER A 256 9.43 16.40 22.07
CA SER A 256 9.80 15.56 20.93
C SER A 256 11.23 15.06 21.01
N ALA A 257 12.17 15.97 21.30
CA ALA A 257 13.59 15.62 21.21
C ALA A 257 13.97 14.59 22.26
N SER A 258 13.46 14.73 23.49
CA SER A 258 13.75 13.74 24.52
C SER A 258 12.94 12.46 24.31
N LEU A 259 11.78 12.54 23.66
CA LEU A 259 11.05 11.34 23.32
C LEU A 259 11.86 10.53 22.31
N MLY A 260 12.36 11.20 21.28
CA MLY A 260 13.17 10.55 20.24
CB MLY A 260 13.52 11.50 19.09
CG MLY A 260 14.22 10.77 17.92
CD MLY A 260 14.32 11.65 16.67
CE MLY A 260 15.49 12.59 16.77
NZ MLY A 260 15.14 13.94 16.28
CH1 MLY A 260 15.65 14.95 17.23
CH2 MLY A 260 15.83 14.16 15.01
C MLY A 260 14.45 9.90 20.80
O MLY A 260 14.74 8.74 20.49
N MLY A 261 15.17 10.65 21.61
CA MLY A 261 16.34 10.12 22.32
CB MLY A 261 16.92 11.17 23.28
CG MLY A 261 18.26 10.78 23.87
CD MLY A 261 18.79 11.86 24.81
CE MLY A 261 20.31 11.87 24.79
NZ MLY A 261 20.90 12.53 25.99
CH1 MLY A 261 22.35 12.53 25.76
CH2 MLY A 261 20.46 13.94 26.00
C MLY A 261 15.99 8.86 23.13
O MLY A 261 16.66 7.83 23.00
N CYS A 262 14.95 8.92 23.95
CA CYS A 262 14.59 7.76 24.76
C CYS A 262 14.16 6.55 23.91
N LEU A 263 13.28 6.78 22.95
CA LEU A 263 12.84 5.71 22.05
C LEU A 263 14.03 5.04 21.37
N MLY A 264 15.04 5.81 21.00
CA MLY A 264 16.23 5.25 20.36
CB MLY A 264 17.04 6.32 19.64
CG MLY A 264 16.37 6.76 18.35
CD MLY A 264 16.79 8.13 17.93
CE MLY A 264 18.27 8.22 17.71
NZ MLY A 264 18.57 9.63 17.32
CH1 MLY A 264 20.03 9.83 17.22
CH2 MLY A 264 17.96 9.78 16.00
C MLY A 264 17.12 4.44 21.30
O MLY A 264 18.01 3.71 20.85
N SER A 265 16.85 4.55 22.61
CA SER A 265 17.61 3.80 23.62
C SER A 265 16.99 2.42 23.88
N MLY A 266 15.90 2.11 23.21
CA MLY A 266 15.21 0.85 23.40
CB MLY A 266 13.70 1.06 23.62
CG MLY A 266 13.35 2.09 24.69
CD MLY A 266 13.87 1.68 26.09
CE MLY A 266 13.70 2.78 27.11
NZ MLY A 266 14.20 2.43 28.47
CH1 MLY A 266 15.65 2.19 28.36
CH2 MLY A 266 14.07 3.66 29.26
C MLY A 266 15.47 -0.08 22.19
O MLY A 266 15.64 0.39 21.07
N PRO A 267 15.53 -1.40 22.42
CA PRO A 267 15.67 -2.31 21.27
C PRO A 267 14.49 -2.16 20.31
N ALA A 268 14.74 -2.24 19.01
CA ALA A 268 13.66 -2.03 18.04
C ALA A 268 12.52 -3.02 18.28
N SER A 269 12.86 -4.24 18.69
CA SER A 269 11.81 -5.24 18.90
C SER A 269 10.85 -4.83 19.99
N GLU A 270 11.32 -4.08 20.98
CA GLU A 270 10.42 -3.60 22.03
C GLU A 270 9.47 -2.53 21.48
N LEU A 271 9.99 -1.60 20.69
CA LEU A 271 9.14 -0.57 20.07
C LEU A 271 8.08 -1.19 19.18
N VAL A 272 8.44 -2.20 18.40
CA VAL A 272 7.47 -2.76 17.46
C VAL A 272 6.45 -3.63 18.19
N THR A 273 6.92 -4.42 19.16
CA THR A 273 5.99 -5.20 19.97
C THR A 273 4.95 -4.31 20.65
N ALA A 274 5.35 -3.10 21.05
CA ALA A 274 4.41 -2.19 21.71
C ALA A 274 3.26 -1.75 20.80
N VAL A 275 3.34 -2.00 19.48
CA VAL A 275 2.19 -1.77 18.60
C VAL A 275 0.93 -2.42 19.17
N ARG A 276 1.09 -3.58 19.80
CA ARG A 276 -0.06 -4.32 20.35
C ARG A 276 -0.92 -3.50 21.30
N MLY A 277 -0.34 -2.49 21.93
CA MLY A 277 -1.07 -1.69 22.92
CB MLY A 277 -0.10 -0.93 23.83
CG MLY A 277 0.80 -1.83 24.69
CD MLY A 277 -0.04 -2.75 25.55
CE MLY A 277 0.82 -3.66 26.42
NZ MLY A 277 0.18 -4.03 27.75
CH1 MLY A 277 -1.22 -4.44 27.52
CH2 MLY A 277 0.91 -5.21 28.24
C MLY A 277 -2.04 -0.70 22.24
O MLY A 277 -2.86 -0.08 22.91
N PHE A 278 -1.92 -0.56 20.93
CA PHE A 278 -2.74 0.37 20.15
C PHE A 278 -3.92 -0.33 19.54
N LEU A 279 -3.93 -1.66 19.64
CA LEU A 279 -4.91 -2.50 18.98
C LEU A 279 -5.91 -2.95 20.04
N ILE A 280 -7.12 -2.41 19.97
CA ILE A 280 -8.07 -2.52 21.08
C ILE A 280 -9.22 -3.46 20.77
N PHE A 281 -9.17 -4.04 19.58
CA PHE A 281 -10.15 -5.01 19.08
C PHE A 281 -9.43 -5.81 17.99
N SER A 282 -8.78 -6.92 18.35
CA SER A 282 -8.06 -7.71 17.34
C SER A 282 -7.05 -6.75 16.72
N TYR A 283 -6.98 -6.70 15.40
CA TYR A 283 -6.05 -5.76 14.76
C TYR A 283 -6.83 -4.51 14.34
N VAL A 284 -7.32 -3.77 15.34
CA VAL A 284 -8.13 -2.56 15.14
C VAL A 284 -7.70 -1.50 16.14
N PRO A 285 -7.44 -0.26 15.68
CA PRO A 285 -7.42 0.21 14.29
C PRO A 285 -6.27 -0.41 13.50
N PHE A 286 -6.41 -0.61 12.18
CA PHE A 286 -5.36 -1.36 11.50
C PHE A 286 -4.16 -0.50 11.10
N ALA A 287 -4.24 0.82 11.22
CA ALA A 287 -3.11 1.69 10.90
C ALA A 287 -2.88 2.70 12.03
N PRO A 288 -2.43 2.22 13.20
CA PRO A 288 -2.07 3.17 14.28
C PRO A 288 -0.85 4.00 13.93
N PHE A 289 -0.10 3.64 12.90
CA PHE A 289 1.00 4.46 12.39
C PHE A 289 0.84 4.51 10.88
N SER A 290 0.98 5.70 10.31
CA SER A 290 0.59 5.93 8.93
C SER A 290 1.23 7.24 8.47
N PRO A 291 1.14 7.57 7.17
CA PRO A 291 1.55 8.91 6.75
C PRO A 291 0.88 10.02 7.54
N VAL A 292 1.53 11.19 7.57
CA VAL A 292 1.02 12.39 8.21
C VAL A 292 1.46 13.60 7.39
N LEU A 293 0.85 14.75 7.69
CA LEU A 293 1.36 15.99 7.17
C LEU A 293 2.55 16.43 8.02
N GLU A 294 3.64 16.81 7.37
CA GLU A 294 4.81 17.30 8.08
C GLU A 294 4.79 18.83 8.17
N PRO A 295 5.46 19.40 9.16
CA PRO A 295 5.49 20.87 9.28
C PRO A 295 6.41 21.50 8.26
N SER A 296 6.12 22.77 7.97
CA SER A 296 6.87 23.50 6.95
C SER A 296 8.33 23.73 7.32
N ASP A 297 8.72 23.55 8.59
CA ASP A 297 10.10 23.77 9.01
C ASP A 297 10.88 22.47 9.20
N ALA A 298 10.42 21.37 8.63
CA ALA A 298 11.21 20.14 8.67
C ALA A 298 11.83 19.93 7.31
N PRO A 299 13.15 20.07 7.14
CA PRO A 299 13.74 19.98 5.80
C PRO A 299 13.63 18.57 5.24
N GLY A 300 13.46 18.49 3.93
CA GLY A 300 13.25 17.21 3.30
C GLY A 300 11.92 16.56 3.62
N ALA A 301 10.95 17.36 4.06
CA ALA A 301 9.63 16.84 4.38
C ALA A 301 9.02 16.17 3.15
N PHE A 302 8.31 15.06 3.37
CA PHE A 302 7.71 14.37 2.23
C PHE A 302 6.42 15.04 1.77
N ILE A 303 5.56 15.42 2.70
CA ILE A 303 4.30 16.06 2.34
C ILE A 303 3.95 17.04 3.45
N THR A 304 3.63 18.27 3.06
CA THR A 304 3.31 19.34 4.01
C THR A 304 1.92 19.95 3.81
N GLN A 305 1.22 19.59 2.74
CA GLN A 305 -0.11 20.09 2.45
C GLN A 305 -1.08 18.92 2.35
N ASP A 306 -2.33 19.15 2.71
CA ASP A 306 -3.38 18.19 2.43
C ASP A 306 -3.28 17.78 0.96
N PRO A 307 -3.31 16.49 0.64
CA PRO A 307 -3.17 16.09 -0.77
C PRO A 307 -4.27 16.67 -1.66
N ARG A 308 -5.44 16.97 -1.11
CA ARG A 308 -6.47 17.63 -1.93
C ARG A 308 -5.97 18.99 -2.41
N ASP A 309 -5.28 19.74 -1.54
CA ASP A 309 -4.75 21.03 -1.95
C ASP A 309 -3.57 20.88 -2.89
N VAL A 310 -2.78 19.81 -2.76
CA VAL A 310 -1.72 19.56 -3.73
C VAL A 310 -2.32 19.34 -5.11
N ILE A 311 -3.35 18.52 -5.20
CA ILE A 311 -3.93 18.22 -6.51
C ILE A 311 -4.51 19.49 -7.14
N MLY A 312 -5.21 20.30 -6.35
CA MLY A 312 -5.83 21.54 -6.86
CB MLY A 312 -6.73 22.21 -5.82
CG MLY A 312 -7.91 21.35 -5.39
CD MLY A 312 -8.77 22.03 -4.32
CE MLY A 312 -9.84 21.06 -3.79
NZ MLY A 312 -10.72 21.61 -2.69
CH1 MLY A 312 -9.89 21.80 -1.48
CH2 MLY A 312 -11.19 22.93 -3.12
C MLY A 312 -4.80 22.53 -7.38
O MLY A 312 -5.05 23.25 -8.33
N SER A 313 -3.62 22.54 -6.76
CA SER A 313 -2.55 23.45 -7.19
C SER A 313 -2.00 23.05 -8.55
N GLY A 314 -2.20 21.79 -8.95
CA GLY A 314 -1.62 21.30 -10.18
C GLY A 314 -0.15 20.96 -10.04
N MLY A 315 0.45 21.30 -8.89
CA MLY A 315 1.89 21.11 -8.70
CB MLY A 315 2.45 22.13 -7.69
CG MLY A 315 2.25 23.60 -8.07
CD MLY A 315 3.16 24.01 -9.23
CE MLY A 315 3.28 25.54 -9.32
NZ MLY A 315 4.21 26.04 -10.42
CH1 MLY A 315 5.56 25.54 -10.13
CH2 MLY A 315 3.77 25.48 -11.71
C MLY A 315 2.25 19.68 -8.24
O MLY A 315 2.79 19.47 -7.14
N PHE A 316 1.97 18.71 -9.10
CA PHE A 316 2.31 17.33 -8.84
C PHE A 316 2.82 16.66 -10.12
N GLY A 317 3.36 15.46 -9.99
CA GLY A 317 3.84 14.75 -11.18
C GLY A 317 2.72 14.54 -12.17
N GLN A 318 2.77 15.21 -13.32
CA GLN A 318 1.66 15.08 -14.26
C GLN A 318 1.98 13.94 -15.20
N VAL A 319 1.74 12.74 -14.70
CA VAL A 319 1.92 11.50 -15.44
C VAL A 319 0.55 10.83 -15.51
N PRO A 320 0.34 9.94 -16.48
CA PRO A 320 -0.88 9.12 -16.47
C PRO A 320 -0.99 8.32 -15.18
N TRP A 321 -2.19 8.26 -14.65
CA TRP A 321 -2.45 7.55 -13.41
C TRP A 321 -3.76 6.78 -13.55
N ALA A 322 -3.79 5.57 -12.99
CA ALA A 322 -5.02 4.81 -12.82
C ALA A 322 -5.20 4.47 -11.34
N VAL A 323 -6.46 4.42 -10.91
CA VAL A 323 -6.82 4.10 -9.53
C VAL A 323 -8.01 3.15 -9.60
N SER A 324 -8.01 2.12 -8.74
CA SER A 324 -9.03 1.08 -8.83
C SER A 324 -9.52 0.65 -7.45
N TYR A 325 -10.67 -0.04 -7.45
CA TYR A 325 -11.18 -0.70 -6.26
C TYR A 325 -11.95 -1.94 -6.71
N VAL A 326 -12.36 -2.76 -5.74
CA VAL A 326 -13.17 -3.94 -6.01
C VAL A 326 -14.47 -3.80 -5.22
N THR A 327 -15.52 -4.47 -5.69
CA THR A 327 -16.88 -4.12 -5.26
C THR A 327 -17.12 -4.35 -3.78
N GLU A 328 -16.50 -5.37 -3.18
CA GLU A 328 -16.59 -5.60 -1.75
C GLU A 328 -15.24 -5.41 -1.07
N ASP A 329 -14.50 -4.38 -1.53
CA ASP A 329 -13.17 -4.09 -1.03
C ASP A 329 -13.12 -4.10 0.50
N GLY A 330 -14.14 -3.52 1.14
CA GLY A 330 -14.21 -3.41 2.58
C GLY A 330 -14.27 -4.72 3.34
N GLY A 331 -14.29 -5.85 2.64
CA GLY A 331 -14.04 -7.12 3.31
C GLY A 331 -12.79 -7.09 4.16
N TYR A 332 -11.73 -6.45 3.67
CA TYR A 332 -10.69 -6.00 4.60
C TYR A 332 -11.16 -4.65 5.17
N ASN A 333 -11.51 -4.56 6.47
CA ASN A 333 -11.33 -5.63 7.44
C ASN A 333 -12.64 -5.96 8.15
N ALA A 334 -13.75 -5.66 7.50
CA ALA A 334 -15.04 -5.96 8.11
C ALA A 334 -15.21 -7.46 8.37
N ALA A 335 -14.55 -8.31 7.58
CA ALA A 335 -14.70 -9.75 7.74
C ALA A 335 -14.27 -10.25 9.12
N LEU A 336 -13.41 -9.52 9.83
CA LEU A 336 -13.08 -9.97 11.17
C LEU A 336 -14.31 -9.98 12.08
N LEU A 337 -15.36 -9.22 11.71
CA LEU A 337 -16.58 -9.21 12.50
C LEU A 337 -17.38 -10.52 12.41
N LEU A 338 -17.12 -11.37 11.42
CA LEU A 338 -17.85 -12.64 11.32
C LEU A 338 -17.10 -13.78 11.99
N MLY A 339 -15.96 -13.49 12.60
CA MLY A 339 -15.20 -14.52 13.31
CB MLY A 339 -13.85 -14.01 13.77
CG MLY A 339 -13.04 -15.04 14.54
CD MLY A 339 -11.57 -14.61 14.60
CE MLY A 339 -10.73 -15.47 15.53
NZ MLY A 339 -10.05 -16.57 14.82
CH1 MLY A 339 -8.83 -16.01 14.22
CH2 MLY A 339 -9.65 -17.54 15.85
C MLY A 339 -15.99 -15.03 14.51
O MLY A 339 -16.46 -14.25 15.35
N GLU A 340 -16.16 -16.34 14.58
CA GLU A 340 -17.01 -16.93 15.61
C GLU A 340 -16.25 -17.12 16.90
N ARG A 341 -16.97 -16.94 18.00
CA ARG A 341 -16.45 -17.20 19.33
C ARG A 341 -17.32 -18.24 20.02
N MLY A 342 -17.04 -18.49 21.30
CA MLY A 342 -17.90 -19.33 22.13
CB MLY A 342 -17.21 -19.68 23.45
CG MLY A 342 -15.87 -18.96 23.67
CD MLY A 342 -16.03 -17.57 24.28
CE MLY A 342 -15.40 -16.46 23.43
NZ MLY A 342 -13.89 -16.44 23.35
CH1 MLY A 342 -13.49 -16.94 22.02
CH2 MLY A 342 -13.49 -15.02 23.39
C MLY A 342 -19.22 -18.62 22.38
O MLY A 342 -20.30 -19.18 22.15
N SER A 343 -19.13 -17.37 22.80
CA SER A 343 -20.30 -16.55 23.16
C SER A 343 -21.21 -16.23 21.99
N GLY A 344 -20.65 -16.17 20.79
CA GLY A 344 -21.40 -15.80 19.60
C GLY A 344 -20.46 -15.36 18.49
N VAL A 345 -20.83 -14.32 17.75
CA VAL A 345 -20.01 -13.80 16.67
C VAL A 345 -19.60 -12.36 17.00
N VAL A 346 -18.40 -11.96 16.54
CA VAL A 346 -17.82 -10.70 16.98
C VAL A 346 -18.73 -9.53 16.66
N ILE A 347 -19.42 -9.58 15.51
CA ILE A 347 -20.27 -8.46 15.09
C ILE A 347 -21.36 -8.15 16.11
N ASP A 348 -21.81 -9.13 16.90
N ASP A 348 -21.80 -9.16 16.88
CA ASP A 348 -22.87 -8.84 17.88
CA ASP A 348 -22.80 -8.99 17.93
C ASP A 348 -22.41 -7.81 18.91
C ASP A 348 -22.41 -7.86 18.89
N ASP A 349 -21.11 -7.67 19.13
CA ASP A 349 -20.63 -6.65 20.07
C ASP A 349 -20.94 -5.23 19.59
N LEU A 350 -21.12 -5.03 18.28
CA LEU A 350 -21.35 -3.68 17.78
C LEU A 350 -22.72 -3.14 18.16
N ASN A 351 -23.65 -4.00 18.59
CA ASN A 351 -24.93 -3.49 19.09
C ASN A 351 -24.74 -2.64 20.34
N GLU A 352 -23.71 -2.91 21.13
N GLU A 352 -23.69 -2.89 21.11
CA GLU A 352 -23.41 -2.06 22.28
CA GLU A 352 -23.41 -2.10 22.31
C GLU A 352 -22.23 -1.13 22.06
C GLU A 352 -22.10 -1.31 22.25
N ARG A 353 -21.26 -1.51 21.24
CA ARG A 353 -19.99 -0.80 21.16
C ARG A 353 -19.83 0.06 19.91
N TRP A 354 -20.93 0.35 19.21
CA TRP A 354 -20.78 1.00 17.91
C TRP A 354 -20.17 2.40 18.05
N LEU A 355 -20.65 3.20 19.02
CA LEU A 355 -20.13 4.55 19.15
C LEU A 355 -18.67 4.54 19.56
N GLU A 356 -18.27 3.54 20.35
CA GLU A 356 -16.87 3.43 20.78
C GLU A 356 -15.96 3.01 19.63
N LEU A 357 -16.37 2.02 18.84
CA LEU A 357 -15.49 1.35 17.89
C LEU A 357 -15.56 1.91 16.46
N ALA A 358 -16.73 2.37 16.00
CA ALA A 358 -16.83 2.85 14.64
C ALA A 358 -15.81 3.93 14.29
N PRO A 359 -15.47 4.88 15.17
CA PRO A 359 -14.42 5.86 14.80
C PRO A 359 -13.06 5.23 14.55
N TYR A 360 -12.70 4.16 15.27
CA TYR A 360 -11.46 3.44 14.99
C TYR A 360 -11.57 2.63 13.69
N LEU A 361 -12.68 1.91 13.52
CA LEU A 361 -12.86 1.06 12.36
C LEU A 361 -12.92 1.86 11.06
N LEU A 362 -13.41 3.10 11.12
CA LEU A 362 -13.64 3.89 9.92
C LEU A 362 -12.82 5.19 9.92
N PHE A 363 -11.90 5.35 10.88
CA PHE A 363 -10.81 6.34 10.78
C PHE A 363 -11.31 7.79 10.82
N TYR A 364 -12.31 8.08 11.65
CA TYR A 364 -12.68 9.47 11.92
C TYR A 364 -12.59 9.83 13.40
N ARG A 365 -11.81 9.08 14.18
CA ARG A 365 -11.67 9.37 15.61
C ARG A 365 -10.79 10.58 15.88
N ASP A 366 -9.89 10.91 15.01
CA ASP A 366 -8.99 12.05 15.17
C ASP A 366 -9.33 13.31 14.36
N THR A 367 -10.38 13.28 13.58
CA THR A 367 -10.75 14.43 12.76
C THR A 367 -12.10 15.06 13.11
N MLY A 368 -12.70 14.62 14.21
CA MLY A 368 -13.99 15.17 14.62
CB MLY A 368 -15.16 14.27 14.17
CG MLY A 368 -15.32 14.14 12.66
CD MLY A 368 -16.49 13.26 12.27
CE MLY A 368 -16.42 12.89 10.78
NZ MLY A 368 -17.43 13.49 9.85
CH1 MLY A 368 -18.07 14.70 10.42
CH2 MLY A 368 -16.72 13.84 8.61
C MLY A 368 -14.03 15.31 16.13
O MLY A 368 -13.41 14.52 16.84
N THR A 369 -14.80 16.28 16.62
CA THR A 369 -15.11 16.36 18.06
C THR A 369 -15.87 15.10 18.49
N MLY A 370 -15.93 14.86 19.80
CA MLY A 370 -16.66 13.70 20.30
CB MLY A 370 -16.52 13.56 21.83
CG MLY A 370 -17.24 12.38 22.44
CD MLY A 370 -16.91 11.04 21.75
CE MLY A 370 -17.38 9.84 22.58
NZ MLY A 370 -17.80 8.67 21.76
CH1 MLY A 370 -16.65 8.19 20.96
CH2 MLY A 370 -18.14 7.58 22.69
C MLY A 370 -18.14 13.75 19.89
O MLY A 370 -18.70 12.73 19.49
N MLY A 371 -18.73 14.94 19.94
CA MLY A 371 -20.13 15.11 19.56
CB MLY A 371 -20.66 16.51 19.89
CG MLY A 371 -22.13 16.64 19.50
CD MLY A 371 -22.75 17.98 19.88
CE MLY A 371 -22.06 19.14 19.17
NZ MLY A 371 -22.84 20.43 19.28
CH1 MLY A 371 -23.03 20.76 20.70
CH2 MLY A 371 -22.00 21.47 18.67
C MLY A 371 -20.36 14.83 18.09
O MLY A 371 -21.23 14.06 17.73
N ASP A 372 -19.54 15.43 17.22
CA ASP A 372 -19.68 15.21 15.78
C ASP A 372 -19.40 13.76 15.39
N MET A 373 -18.44 13.17 16.12
CA MET A 373 -18.09 11.77 15.93
C MET A 373 -19.29 10.86 16.19
N ASP A 374 -19.96 11.06 17.32
CA ASP A 374 -21.11 10.22 17.64
C ASP A 374 -22.27 10.48 16.68
N ASP A 375 -22.48 11.75 16.30
CA ASP A 375 -23.51 12.06 15.31
C ASP A 375 -23.24 11.34 13.99
N TYR A 376 -21.97 11.32 13.55
CA TYR A 376 -21.66 10.66 12.29
C TYR A 376 -21.82 9.14 12.42
N SER A 377 -21.38 8.56 13.53
CA SER A 377 -21.63 7.15 13.80
C SER A 377 -23.11 6.80 13.73
N ARG A 378 -23.98 7.65 14.29
CA ARG A 378 -25.44 7.42 14.23
C ARG A 378 -25.98 7.57 12.82
N MLY A 379 -25.47 8.60 12.14
CA MLY A 379 -25.90 8.89 10.78
CB MLY A 379 -25.28 10.22 10.30
CG MLY A 379 -25.60 10.53 8.84
CD MLY A 379 -24.88 11.76 8.34
CE MLY A 379 -25.25 12.04 6.88
NZ MLY A 379 -24.08 12.01 5.96
CH1 MLY A 379 -23.44 10.68 6.03
CH2 MLY A 379 -24.61 12.14 4.59
C MLY A 379 -25.55 7.77 9.79
O MLY A 379 -26.40 7.39 8.98
N ILE A 380 -24.34 7.23 9.85
CA ILE A 380 -23.94 6.26 8.82
C ILE A 380 -24.55 4.89 9.14
N MLY A 381 -24.74 4.60 10.42
CA MLY A 381 -25.45 3.39 10.79
CB MLY A 381 -25.44 3.19 12.31
CG MLY A 381 -26.11 1.88 12.73
CD MLY A 381 -26.32 1.77 14.24
CE MLY A 381 -26.69 0.35 14.58
NZ MLY A 381 -27.84 0.13 15.50
CH1 MLY A 381 -27.61 -1.22 16.08
CH2 MLY A 381 -27.83 1.14 16.56
C MLY A 381 -26.89 3.43 10.24
O MLY A 381 -27.36 2.48 9.63
N GLN A 382 -27.57 4.55 10.43
CA GLN A 382 -28.95 4.67 9.94
C GLN A 382 -29.03 4.53 8.43
N GLU A 383 -28.10 5.17 7.70
CA GLU A 383 -28.15 5.13 6.24
C GLU A 383 -27.82 3.75 5.67
N TYR A 384 -26.89 3.02 6.28
CA TYR A 384 -26.47 1.74 5.71
C TYR A 384 -27.17 0.54 6.34
N ILE A 385 -27.43 0.62 7.65
CA ILE A 385 -28.01 -0.49 8.40
C ILE A 385 -29.50 -0.28 8.68
N GLY A 386 -29.96 0.97 8.72
CA GLY A 386 -31.35 1.24 9.08
C GLY A 386 -31.63 0.80 10.50
N ASN A 387 -32.75 0.10 10.71
CA ASN A 387 -33.14 -0.34 12.03
C ASN A 387 -32.82 -1.81 12.25
N GLN A 388 -31.98 -2.38 11.38
CA GLN A 388 -31.53 -3.75 11.60
C GLN A 388 -30.56 -3.79 12.75
N ARG A 389 -30.56 -4.92 13.47
CA ARG A 389 -29.51 -5.17 14.45
C ARG A 389 -28.26 -5.65 13.72
N PHE A 390 -27.11 -5.49 14.39
CA PHE A 390 -25.84 -5.98 13.87
C PHE A 390 -25.80 -7.50 14.02
N ASP A 391 -25.89 -8.22 12.91
CA ASP A 391 -25.70 -9.68 12.94
C ASP A 391 -25.21 -10.11 11.57
N ILE A 392 -25.10 -11.43 11.38
CA ILE A 392 -24.64 -11.94 10.09
C ILE A 392 -25.61 -11.55 8.99
N GLY A 393 -26.88 -11.34 9.33
CA GLY A 393 -27.86 -10.94 8.33
C GLY A 393 -27.67 -9.52 7.80
N SER A 394 -27.16 -8.62 8.63
CA SER A 394 -26.86 -7.27 8.17
C SER A 394 -25.39 -7.07 7.83
N TYR A 395 -24.57 -8.12 7.90
CA TYR A 395 -23.15 -7.98 7.63
C TYR A 395 -22.90 -7.36 6.25
N SER A 396 -23.69 -7.76 5.25
CA SER A 396 -23.40 -7.29 3.89
C SER A 396 -23.55 -5.78 3.77
N GLU A 397 -24.49 -5.19 4.50
CA GLU A 397 -24.66 -3.74 4.51
C GLU A 397 -23.54 -3.06 5.29
N LEU A 398 -23.04 -3.69 6.35
CA LEU A 398 -21.92 -3.09 7.06
C LEU A 398 -20.66 -3.16 6.22
N GLN A 399 -20.44 -4.30 5.53
CA GLN A 399 -19.30 -4.41 4.64
C GLN A 399 -19.34 -3.36 3.53
N ARG A 400 -20.53 -3.06 3.01
CA ARG A 400 -20.68 -1.98 2.03
C ARG A 400 -20.27 -0.64 2.62
N LEU A 401 -20.60 -0.40 3.89
CA LEU A 401 -20.15 0.83 4.56
C LEU A 401 -18.63 0.87 4.63
N PHE A 402 -18.01 -0.24 5.04
CA PHE A 402 -16.55 -0.28 5.09
C PHE A 402 -15.97 -0.04 3.70
N THR A 403 -16.52 -0.70 2.68
CA THR A 403 -16.04 -0.52 1.30
C THR A 403 -16.06 0.95 0.91
N ASP A 404 -17.17 1.64 1.23
CA ASP A 404 -17.34 3.03 0.82
C ASP A 404 -16.36 3.96 1.55
N ILE A 405 -16.32 3.88 2.88
CA ILE A 405 -15.50 4.82 3.63
C ILE A 405 -14.02 4.48 3.48
N LEU A 406 -13.66 3.19 3.55
CA LEU A 406 -12.25 2.84 3.52
C LEU A 406 -11.64 2.95 2.14
N PHE A 407 -12.40 2.69 1.08
CA PHE A 407 -11.79 2.48 -0.22
C PHE A 407 -12.44 3.23 -1.37
N LYS A 408 -13.78 3.22 -1.44
CA LYS A 408 -14.44 3.71 -2.65
C LYS A 408 -14.54 5.24 -2.68
N ASN A 409 -14.99 5.85 -1.59
CA ASN A 409 -15.17 7.30 -1.58
C ASN A 409 -13.88 8.02 -1.91
N GLY A 410 -12.75 7.55 -1.37
CA GLY A 410 -11.46 8.17 -1.68
C GLY A 410 -11.02 7.97 -3.11
N THR A 411 -11.40 6.83 -3.72
CA THR A 411 -11.17 6.65 -5.15
C THR A 411 -11.96 7.68 -5.95
N GLN A 412 -13.24 7.83 -5.65
CA GLN A 412 -14.04 8.81 -6.37
C GLN A 412 -13.50 10.22 -6.17
N GLU A 413 -13.14 10.59 -4.93
N GLU A 413 -13.20 10.58 -4.91
CA GLU A 413 -12.66 11.96 -4.73
CA GLU A 413 -12.60 11.87 -4.58
C GLU A 413 -11.29 12.17 -5.37
C GLU A 413 -11.35 12.12 -5.42
N SER A 414 -10.43 11.15 -5.39
CA SER A 414 -9.16 11.29 -6.12
C SER A 414 -9.41 11.54 -7.59
N LEU A 415 -10.28 10.71 -8.18
CA LEU A 415 -10.59 10.83 -9.60
C LEU A 415 -11.19 12.19 -9.90
N ASP A 416 -12.04 12.68 -9.00
CA ASP A 416 -12.70 13.98 -9.21
C ASP A 416 -11.68 15.12 -9.23
N LEU A 417 -10.74 15.11 -8.28
CA LEU A 417 -9.78 16.20 -8.22
C LEU A 417 -8.79 16.14 -9.37
N HIS A 418 -8.37 14.93 -9.77
CA HIS A 418 -7.40 14.82 -10.86
C HIS A 418 -8.02 15.20 -12.20
N ARG A 419 -9.29 14.83 -12.41
CA ARG A 419 -9.92 15.09 -13.70
C ARG A 419 -10.23 16.58 -13.85
N MLY A 420 -10.33 17.29 -12.73
CA MLY A 420 -10.62 18.73 -12.77
CB MLY A 420 -11.54 19.13 -11.61
CG MLY A 420 -13.00 18.62 -11.68
CD MLY A 420 -13.79 18.94 -10.39
CE MLY A 420 -15.30 18.56 -10.47
NZ MLY A 420 -15.94 18.33 -9.09
CH1 MLY A 420 -15.85 19.55 -8.29
CH2 MLY A 420 -17.37 18.01 -9.28
C MLY A 420 -9.37 19.63 -12.79
O MLY A 420 -9.36 20.69 -13.41
N TYR A 421 -8.31 19.22 -12.09
CA TYR A 421 -7.18 20.11 -11.83
C TYR A 421 -5.88 19.64 -12.46
N GLY A 422 -5.91 18.43 -13.03
CA GLY A 422 -4.76 17.89 -13.71
C GLY A 422 -5.04 17.76 -15.19
N MLY A 423 -3.99 17.83 -16.01
CA MLY A 423 -4.16 17.75 -17.46
CB MLY A 423 -3.29 18.81 -18.15
CG MLY A 423 -3.57 20.26 -17.70
CD MLY A 423 -4.94 20.77 -18.17
CE MLY A 423 -5.36 22.06 -17.45
NZ MLY A 423 -5.79 21.81 -16.04
CH1 MLY A 423 -5.17 22.84 -15.20
CH2 MLY A 423 -7.25 22.00 -15.99
C MLY A 423 -3.85 16.35 -17.99
O MLY A 423 -4.29 15.98 -19.08
N SER A 424 -3.09 15.59 -17.22
CA SER A 424 -2.72 14.23 -17.59
C SER A 424 -3.93 13.28 -17.57
N PRO A 425 -3.89 12.25 -18.39
CA PRO A 425 -4.99 11.27 -18.39
C PRO A 425 -5.12 10.61 -17.02
N VAL A 426 -6.35 10.42 -16.56
CA VAL A 426 -6.62 9.73 -15.31
C VAL A 426 -7.72 8.69 -15.54
N TYR A 427 -7.44 7.45 -15.15
CA TYR A 427 -8.31 6.30 -15.43
C TYR A 427 -8.73 5.59 -14.15
N ALA A 428 -9.76 4.75 -14.25
CA ALA A 428 -10.20 3.95 -13.11
C ALA A 428 -10.93 2.69 -13.56
N TYR A 429 -10.85 1.63 -12.75
CA TYR A 429 -11.73 0.46 -12.92
C TYR A 429 -12.30 0.02 -11.58
N VAL A 430 -13.43 -0.71 -11.67
CA VAL A 430 -14.00 -1.47 -10.56
C VAL A 430 -14.07 -2.93 -10.98
N TYR A 431 -13.56 -3.81 -10.11
CA TYR A 431 -13.49 -5.24 -10.36
C TYR A 431 -14.57 -5.97 -9.57
N ASP A 432 -15.34 -6.81 -10.26
CA ASP A 432 -16.38 -7.62 -9.62
C ASP A 432 -16.22 -9.05 -10.13
N ASN A 433 -15.56 -9.90 -9.34
CA ASN A 433 -15.33 -11.29 -9.73
C ASN A 433 -14.82 -12.07 -8.52
N PRO A 434 -15.70 -12.57 -7.67
CA PRO A 434 -15.24 -13.15 -6.39
C PRO A 434 -14.27 -14.31 -6.60
N ALA A 435 -13.18 -14.29 -5.83
CA ALA A 435 -12.25 -15.41 -5.77
C ALA A 435 -12.84 -16.53 -4.93
N GLU A 436 -12.34 -17.76 -5.14
CA GLU A 436 -12.78 -18.89 -4.32
C GLU A 436 -12.51 -18.62 -2.85
N MLY A 437 -11.31 -18.11 -2.57
CA MLY A 437 -10.93 -17.65 -1.25
CB MLY A 437 -10.25 -18.77 -0.45
CG MLY A 437 -8.87 -19.16 -0.91
CD MLY A 437 -8.24 -20.15 0.07
CE MLY A 437 -6.79 -20.41 -0.28
NZ MLY A 437 -6.10 -21.31 0.66
CH1 MLY A 437 -6.79 -22.62 0.65
CH2 MLY A 437 -4.77 -21.55 0.06
C MLY A 437 -10.01 -16.44 -1.30
O MLY A 437 -9.34 -16.20 -2.31
N GLY A 438 -9.99 -15.68 -0.22
CA GLY A 438 -9.17 -14.49 -0.14
C GLY A 438 -8.98 -14.04 1.29
N ILE A 439 -8.74 -12.74 1.47
CA ILE A 439 -8.38 -12.27 2.80
C ILE A 439 -9.55 -12.43 3.78
N ALA A 440 -10.81 -12.37 3.31
CA ALA A 440 -11.95 -12.43 4.21
C ALA A 440 -12.06 -13.79 4.91
N GLN A 441 -11.74 -14.88 4.21
CA GLN A 441 -11.77 -16.18 4.89
C GLN A 441 -10.71 -16.24 5.98
N VAL A 442 -9.61 -15.52 5.82
CA VAL A 442 -8.60 -15.50 6.87
C VAL A 442 -9.07 -14.68 8.06
N LEU A 443 -9.63 -13.49 7.81
CA LEU A 443 -10.11 -12.64 8.90
C LEU A 443 -11.22 -13.32 9.68
N ALA A 444 -12.20 -13.89 8.97
CA ALA A 444 -13.34 -14.47 9.66
C ALA A 444 -13.09 -15.90 10.11
N ASN A 445 -11.99 -16.52 9.70
CA ASN A 445 -11.68 -17.91 10.05
C ASN A 445 -12.84 -18.86 9.69
N ARG A 446 -13.40 -18.69 8.50
CA ARG A 446 -14.52 -19.52 8.07
C ARG A 446 -14.65 -19.44 6.55
N THR A 447 -15.40 -20.41 5.99
CA THR A 447 -15.60 -20.56 4.55
C THR A 447 -17.06 -20.73 4.18
N ASP A 448 -17.99 -20.45 5.11
CA ASP A 448 -19.42 -20.65 4.90
C ASP A 448 -20.16 -19.35 4.62
N TYR A 449 -19.50 -18.35 4.05
CA TYR A 449 -20.15 -17.07 3.76
C TYR A 449 -19.57 -16.53 2.45
N ASP A 450 -20.46 -16.11 1.54
CA ASP A 450 -20.04 -15.54 0.25
C ASP A 450 -19.80 -14.05 0.45
N PHE A 451 -18.54 -13.67 0.73
CA PHE A 451 -18.21 -12.27 1.01
C PHE A 451 -18.30 -11.39 -0.24
N GLY A 452 -18.08 -11.95 -1.43
CA GLY A 452 -18.03 -11.17 -2.65
C GLY A 452 -16.60 -10.92 -3.12
N THR A 453 -16.36 -9.82 -3.83
CA THR A 453 -15.02 -9.54 -4.37
C THR A 453 -14.29 -8.69 -3.32
N VAL A 454 -13.36 -9.31 -2.61
CA VAL A 454 -12.75 -8.70 -1.43
C VAL A 454 -11.39 -8.15 -1.80
N HIS A 455 -10.97 -7.11 -1.04
CA HIS A 455 -9.64 -6.50 -1.08
C HIS A 455 -8.56 -7.49 -1.50
N GLY A 456 -7.92 -7.23 -2.64
CA GLY A 456 -6.83 -8.07 -3.12
C GLY A 456 -7.22 -9.21 -4.04
N ASP A 457 -8.50 -9.46 -4.28
CA ASP A 457 -8.87 -10.52 -5.22
C ASP A 457 -8.32 -10.25 -6.62
N ASP A 458 -8.29 -8.98 -7.04
CA ASP A 458 -7.72 -8.67 -8.36
C ASP A 458 -6.18 -8.69 -8.32
N TYR A 459 -5.59 -7.98 -7.36
CA TYR A 459 -4.15 -7.81 -7.32
C TYR A 459 -3.42 -9.14 -7.14
N SER A 460 -4.02 -10.09 -6.43
N SER A 460 -4.02 -10.09 -6.42
CA SER A 460 -3.39 -11.39 -6.25
CA SER A 460 -3.39 -11.39 -6.25
C SER A 460 -3.40 -12.24 -7.51
C SER A 460 -3.27 -12.15 -7.56
N LEU A 461 -4.06 -11.78 -8.57
CA LEU A 461 -3.90 -12.40 -9.88
C LEU A 461 -2.65 -11.90 -10.57
N ILE A 462 -2.15 -10.73 -10.18
CA ILE A 462 -0.93 -10.17 -10.77
C ILE A 462 0.31 -10.65 -10.04
N PHE A 463 0.35 -10.47 -8.73
CA PHE A 463 1.43 -10.95 -7.88
C PHE A 463 0.84 -12.00 -6.94
N GLU A 464 1.07 -13.28 -7.25
CA GLU A 464 0.42 -14.35 -6.51
C GLU A 464 0.89 -14.35 -5.05
N ASN A 465 0.05 -14.92 -4.18
CA ASN A 465 0.40 -15.00 -2.76
C ASN A 465 -0.26 -16.23 -2.14
N SER A 466 -0.03 -16.39 -0.84
CA SER A 466 -0.52 -17.54 -0.08
C SER A 466 -1.96 -17.39 0.38
N VAL A 467 -2.60 -16.25 0.18
CA VAL A 467 -3.93 -16.05 0.74
C VAL A 467 -5.01 -16.62 -0.18
N ARG A 468 -4.82 -16.51 -1.50
CA ARG A 468 -5.70 -17.10 -2.49
C ARG A 468 -5.24 -18.51 -2.87
N ASP A 469 -6.08 -19.19 -3.66
CA ASP A 469 -5.76 -20.55 -4.11
C ASP A 469 -4.47 -20.58 -4.91
N VAL A 470 -3.71 -21.66 -4.76
CA VAL A 470 -2.54 -21.87 -5.60
C VAL A 470 -2.94 -21.86 -7.07
N GLU A 471 -4.00 -22.58 -7.41
CA GLU A 471 -4.46 -22.67 -8.79
C GLU A 471 -5.49 -21.60 -9.08
N MET A 472 -5.34 -20.95 -10.24
CA MET A 472 -6.33 -19.99 -10.73
C MET A 472 -7.37 -20.70 -11.57
N ARG A 473 -8.64 -20.33 -11.36
CA ARG A 473 -9.71 -20.76 -12.24
C ARG A 473 -9.41 -20.37 -13.69
N PRO A 474 -9.99 -21.07 -14.67
CA PRO A 474 -9.78 -20.67 -16.08
C PRO A 474 -10.03 -19.19 -16.36
N ASP A 475 -11.13 -18.61 -15.84
CA ASP A 475 -11.40 -17.19 -16.06
C ASP A 475 -10.33 -16.31 -15.42
N GLU A 476 -9.81 -16.72 -14.25
CA GLU A 476 -8.79 -15.94 -13.57
C GLU A 476 -7.46 -15.96 -14.31
N GLN A 477 -7.11 -17.10 -14.94
CA GLN A 477 -5.89 -17.13 -15.74
C GLN A 477 -5.94 -16.08 -16.85
N ILE A 478 -7.11 -15.92 -17.48
CA ILE A 478 -7.26 -14.93 -18.55
C ILE A 478 -7.16 -13.52 -17.99
N ILE A 479 -7.91 -13.26 -16.92
CA ILE A 479 -7.90 -11.97 -16.25
C ILE A 479 -6.48 -11.61 -15.81
N SER A 480 -5.76 -12.59 -15.25
CA SER A 480 -4.40 -12.38 -14.80
C SER A 480 -3.48 -11.93 -15.95
N ARG A 481 -3.51 -12.65 -17.07
CA ARG A 481 -2.74 -12.24 -18.25
C ARG A 481 -3.17 -10.87 -18.75
N ASN A 482 -4.47 -10.59 -18.73
CA ASN A 482 -4.96 -9.27 -19.11
C ASN A 482 -4.34 -8.19 -18.23
N PHE A 483 -4.35 -8.38 -16.91
CA PHE A 483 -3.80 -7.37 -16.00
C PHE A 483 -2.31 -7.18 -16.25
N ILE A 484 -1.58 -8.28 -16.39
CA ILE A 484 -0.13 -8.21 -16.57
C ILE A 484 0.21 -7.48 -17.86
N ASN A 485 -0.49 -7.80 -18.95
CA ASN A 485 -0.27 -7.10 -20.21
C ASN A 485 -0.72 -5.65 -20.14
N MET A 486 -1.78 -5.36 -19.38
CA MET A 486 -2.21 -3.99 -19.17
C MET A 486 -1.07 -3.15 -18.59
N LEU A 487 -0.36 -3.70 -17.60
CA LEU A 487 0.73 -2.97 -16.97
C LEU A 487 1.93 -2.85 -17.89
N ALA A 488 2.24 -3.92 -18.63
CA ALA A 488 3.36 -3.89 -19.57
C ALA A 488 3.18 -2.81 -20.61
N ASP A 489 2.01 -2.79 -21.26
CA ASP A 489 1.73 -1.78 -22.29
C ASP A 489 1.74 -0.37 -21.70
N PHE A 490 1.25 -0.23 -20.45
CA PHE A 490 1.20 1.09 -19.83
C PHE A 490 2.60 1.64 -19.61
N ALA A 491 3.54 0.77 -19.26
CA ALA A 491 4.89 1.21 -18.96
C ALA A 491 5.62 1.66 -20.22
N SER A 492 5.31 1.06 -21.38
CA SER A 492 5.91 1.36 -22.67
C SER A 492 5.14 2.40 -23.46
N SER A 493 3.97 2.84 -22.99
CA SER A 493 3.09 3.65 -23.81
C SER A 493 3.68 5.04 -24.02
N ASP A 494 3.69 5.48 -25.28
CA ASP A 494 4.15 6.83 -25.61
C ASP A 494 3.10 7.90 -25.30
N ASP A 495 1.81 7.55 -25.39
CA ASP A 495 0.73 8.53 -25.34
C ASP A 495 -0.06 8.48 -24.03
N GLY A 496 0.39 7.69 -23.06
CA GLY A 496 -0.36 7.57 -21.82
C GLY A 496 -1.69 6.86 -21.94
N SER A 497 -1.89 6.07 -22.98
CA SER A 497 -3.15 5.35 -23.05
C SER A 497 -3.09 4.07 -22.21
N LEU A 498 -4.25 3.51 -21.94
CA LEU A 498 -4.34 2.38 -21.03
C LEU A 498 -5.40 1.46 -21.54
N MLY A 499 -5.09 0.16 -21.53
CA MLY A 499 -5.99 -0.82 -22.11
CB MLY A 499 -5.53 -1.15 -23.54
CG MLY A 499 -6.48 -2.08 -24.30
CD MLY A 499 -6.25 -2.03 -25.84
CE MLY A 499 -7.21 -2.99 -26.55
NZ MLY A 499 -7.32 -2.92 -28.04
CH1 MLY A 499 -6.97 -1.55 -28.47
CH2 MLY A 499 -6.31 -3.84 -28.58
C MLY A 499 -6.01 -2.08 -21.25
O MLY A 499 -4.95 -2.60 -20.87
N TYR A 500 -7.21 -2.55 -20.93
CA TYR A 500 -7.39 -3.87 -20.31
C TYR A 500 -8.07 -4.80 -21.30
N GLY A 501 -7.41 -5.90 -21.64
CA GLY A 501 -7.98 -6.85 -22.58
C GLY A 501 -8.42 -6.21 -23.89
N GLU A 502 -9.72 -6.27 -24.17
CA GLU A 502 -10.28 -5.69 -25.38
C GLU A 502 -10.78 -4.25 -25.19
N CYS A 503 -10.66 -3.68 -23.99
CA CYS A 503 -11.24 -2.37 -23.67
C CYS A 503 -10.15 -1.33 -23.44
N ASP A 504 -10.15 -0.29 -24.27
CA ASP A 504 -9.43 0.91 -23.91
C ASP A 504 -10.09 1.56 -22.70
N PHE A 505 -9.29 1.96 -21.71
CA PHE A 505 -9.80 2.81 -20.63
C PHE A 505 -10.13 4.18 -21.18
N MLY A 506 -11.24 4.75 -20.73
CA MLY A 506 -11.59 6.09 -21.14
CB MLY A 506 -13.12 6.18 -21.28
CG MLY A 506 -13.61 7.51 -21.79
CD MLY A 506 -13.78 7.49 -23.31
CE MLY A 506 -14.34 8.81 -23.81
NZ MLY A 506 -15.54 9.27 -23.02
CH1 MLY A 506 -15.87 10.62 -23.49
CH2 MLY A 506 -16.69 8.40 -23.33
C MLY A 506 -11.06 7.12 -20.12
O MLY A 506 -11.32 6.99 -18.92
N ASP A 507 -10.32 8.11 -20.59
CA ASP A 507 -9.83 9.24 -19.78
C ASP A 507 -11.01 9.96 -19.07
N ASN A 508 -10.82 10.35 -17.81
CA ASN A 508 -11.87 11.09 -17.12
C ASN A 508 -11.79 12.59 -17.35
N VAL A 509 -10.62 13.12 -17.70
CA VAL A 509 -10.52 14.54 -18.07
C VAL A 509 -11.46 14.85 -19.22
N GLY A 510 -12.26 15.91 -19.06
CA GLY A 510 -13.13 16.37 -20.12
C GLY A 510 -14.49 15.71 -20.20
N SER A 511 -14.86 14.89 -19.21
CA SER A 511 -16.17 14.24 -19.18
C SER A 511 -16.92 14.69 -17.93
N GLU A 512 -18.21 14.97 -18.11
CA GLU A 512 -19.07 15.35 -17.00
C GLU A 512 -19.21 14.21 -15.99
N MLY A 513 -19.44 13.00 -16.49
CA MLY A 513 -19.64 11.84 -15.63
CB MLY A 513 -20.65 10.87 -16.23
CG MLY A 513 -22.12 11.36 -16.23
CD MLY A 513 -23.06 10.29 -16.79
CE MLY A 513 -24.55 10.68 -16.71
NZ MLY A 513 -25.46 9.63 -17.34
CH1 MLY A 513 -25.18 8.31 -16.73
CH2 MLY A 513 -26.84 9.95 -16.96
C MLY A 513 -18.30 11.13 -15.45
O MLY A 513 -17.42 11.26 -16.31
N PHE A 514 -18.16 10.41 -14.35
CA PHE A 514 -16.99 9.55 -14.14
C PHE A 514 -16.97 8.46 -15.17
N GLN A 515 -15.78 8.12 -15.66
CA GLN A 515 -15.58 7.03 -16.62
C GLN A 515 -14.87 5.90 -15.89
N LEU A 516 -15.60 4.82 -15.62
CA LEU A 516 -15.16 3.74 -14.76
C LEU A 516 -15.25 2.42 -15.52
N LEU A 517 -14.10 1.79 -15.78
CA LEU A 517 -14.10 0.51 -16.47
C LEU A 517 -14.58 -0.58 -15.51
N ALA A 518 -15.65 -1.27 -15.88
CA ALA A 518 -16.13 -2.39 -15.09
C ALA A 518 -15.48 -3.66 -15.63
N ILE A 519 -14.74 -4.37 -14.78
CA ILE A 519 -14.10 -5.62 -15.14
C ILE A 519 -14.80 -6.73 -14.38
N TYR A 520 -15.17 -7.80 -15.10
CA TYR A 520 -15.88 -8.92 -14.46
C TYR A 520 -15.34 -10.24 -15.02
N THR A 521 -16.02 -11.33 -14.69
CA THR A 521 -15.44 -12.66 -14.90
C THR A 521 -15.14 -12.94 -16.37
N ASP A 522 -15.98 -12.47 -17.28
CA ASP A 522 -15.86 -12.83 -18.69
C ASP A 522 -15.86 -11.61 -19.61
N GLY A 523 -15.51 -10.44 -19.11
CA GLY A 523 -15.45 -9.29 -19.98
C GLY A 523 -15.18 -8.01 -19.20
N CYS A 524 -15.45 -6.90 -19.87
CA CYS A 524 -15.22 -5.58 -19.33
C CYS A 524 -16.01 -4.60 -20.17
N GLN A 525 -16.30 -3.43 -19.59
CA GLN A 525 -17.12 -2.45 -20.27
C GLN A 525 -16.98 -1.11 -19.56
N ASN A 526 -16.78 -0.05 -20.33
CA ASN A 526 -16.76 1.28 -19.75
C ASN A 526 -18.18 1.69 -19.38
N ARG A 527 -18.35 2.18 -18.15
CA ARG A 527 -19.62 2.70 -17.67
C ARG A 527 -19.41 4.14 -17.20
N GLN A 528 -20.51 4.89 -17.20
CA GLN A 528 -20.50 6.30 -16.88
C GLN A 528 -21.35 6.55 -15.65
N HIS A 529 -20.84 7.33 -14.70
CA HIS A 529 -21.53 7.46 -13.43
C HIS A 529 -21.50 8.91 -12.96
N VAL A 530 -22.64 9.37 -12.46
CA VAL A 530 -22.67 10.60 -11.67
C VAL A 530 -21.85 10.42 -10.40
N GLU A 531 -22.19 9.39 -9.62
CA GLU A 531 -21.44 8.96 -8.44
C GLU A 531 -21.04 7.50 -8.63
N PHE A 532 -19.97 7.07 -7.96
CA PHE A 532 -19.62 5.66 -8.05
C PHE A 532 -20.79 4.80 -7.55
N PRO A 533 -21.09 3.67 -8.21
CA PRO A 533 -22.20 2.78 -7.81
C PRO A 533 -22.09 2.26 -6.37
BN1 7BZ B . -2.77 -2.84 3.27
N1 7BZ B . -3.30 -4.09 3.67
C3 7BZ B . -3.62 -4.34 5.07
C2 7BZ B . -3.54 -5.13 2.67
HN12 7BZ B . -2.59 -2.02 4.05
HN11 7BZ B . -2.53 -2.64 2.18
H32 7BZ B . -3.81 -5.37 5.21
H31 7BZ B . -4.47 -3.77 5.35
H33 7BZ B . -2.79 -4.05 5.67
H23 7BZ B . -4.32 -5.76 3.01
H22 7BZ B . -2.66 -5.70 2.53
H21 7BZ B . -3.82 -4.68 1.76
#